data_8YEJ
#
_entry.id   8YEJ
#
_cell.length_a   1.00
_cell.length_b   1.00
_cell.length_c   1.00
_cell.angle_alpha   90.00
_cell.angle_beta   90.00
_cell.angle_gamma   90.00
#
_symmetry.space_group_name_H-M   'P 1'
#
loop_
_entity.id
_entity.type
_entity.pdbx_description
1 polymer GtCCR2
2 non-polymer RETINAL
3 water water
#
_entity_poly.entity_id   1
_entity_poly.type   'polypeptide(L)'
_entity_poly.pdbx_seq_one_letter_code
;MKTIIALSYIFCLVFADYKDDDDAMGVASSAVITANWISFLAISASFIILLVISLRYKGPGGTESFYNGFKEQNMLTVFI
NLWCALAYFAKVLQSHSNDNGFAPLTVIPYVDYCTTCPLLTLDLLWCLDAPYKISSAVLVFTCLVIAVACSLAVAPFSYC
WFAMGMVLFTFTYVFILSIVRQRLDFFTLCARDSNAKQSLKHLKTAVFIYFGIWLLFPLLWLLSYRAANVISNDINHIFH
CILDVIAKSVYGFALLYFKMYFDKKLIESGIDEDDFAKFSKVVTTHRSEEKQKRKPAVSQSPKMYYDEAAYQDGEVESNL
QSKIRKSLSRKDKTPGSPSRSPMTPRTAYSTRKSPGMHLNDHPAWGSLQASAHSWENEREGPVGDHDDEEFSEFCQSLPK
KAIPPLNSQPHMYNSEDEDDGAYLERAKMAYQKAKERHDNANGQRERRDRSGSRESDFENLYFQ
;
_entity_poly.pdbx_strand_id   A
#
# COMPACT_ATOMS: atom_id res chain seq x y z
N ALA A 28 -0.75 -3.97 26.35
CA ALA A 28 -0.16 -4.86 25.31
C ALA A 28 1.22 -5.33 25.76
N SER A 29 1.77 -6.31 25.05
CA SER A 29 3.10 -6.88 25.35
C SER A 29 4.19 -5.89 24.95
N SER A 30 5.37 -6.08 25.51
CA SER A 30 6.55 -5.23 25.19
C SER A 30 6.86 -5.28 23.70
N ALA A 31 6.83 -6.48 23.10
CA ALA A 31 7.13 -6.64 21.67
C ALA A 31 6.10 -5.86 20.84
N VAL A 32 4.83 -5.95 21.20
CA VAL A 32 3.75 -5.29 20.41
C VAL A 32 3.96 -3.79 20.45
N ILE A 33 4.20 -3.23 21.63
CA ILE A 33 4.34 -1.76 21.77
C ILE A 33 5.62 -1.32 21.06
N THR A 34 6.69 -2.09 21.17
CA THR A 34 7.96 -1.74 20.50
C THR A 34 7.76 -1.72 18.98
N ALA A 35 7.09 -2.73 18.45
CA ALA A 35 6.83 -2.82 16.99
C ALA A 35 5.94 -1.64 16.57
N ASN A 36 4.92 -1.33 17.36
CA ASN A 36 4.02 -0.20 17.03
C ASN A 36 4.82 1.10 16.99
N TRP A 37 5.65 1.33 17.98
CA TRP A 37 6.46 2.58 18.03
C TRP A 37 7.40 2.64 16.83
N ILE A 38 8.08 1.54 16.54
CA ILE A 38 9.05 1.53 15.42
C ILE A 38 8.32 1.80 14.11
N SER A 39 7.19 1.14 13.89
CA SER A 39 6.41 1.32 12.65
C SER A 39 5.92 2.78 12.55
N PHE A 40 5.41 3.32 13.65
CA PHE A 40 4.90 4.71 13.64
C PHE A 40 6.03 5.67 13.29
N LEU A 41 7.19 5.50 13.92
CA LEU A 41 8.33 6.40 13.65
C LEU A 41 8.79 6.26 12.20
N ALA A 42 8.87 5.04 11.70
CA ALA A 42 9.34 4.81 10.31
C ALA A 42 8.37 5.46 9.32
N ILE A 43 7.07 5.28 9.51
CA ILE A 43 6.08 5.82 8.57
C ILE A 43 6.07 7.35 8.69
N SER A 44 6.21 7.90 9.89
CA SER A 44 6.24 9.37 10.07
C SER A 44 7.46 9.96 9.35
N ALA A 45 8.63 9.33 9.52
CA ALA A 45 9.86 9.82 8.87
C ALA A 45 9.69 9.73 7.35
N SER A 46 9.12 8.63 6.86
CA SER A 46 8.89 8.43 5.42
C SER A 46 7.94 9.50 4.88
N PHE A 47 6.83 9.78 5.58
CA PHE A 47 5.85 10.83 5.20
C PHE A 47 6.55 12.19 5.12
N ILE A 48 7.33 12.53 6.14
CA ILE A 48 7.98 13.89 6.20
C ILE A 48 9.03 14.00 5.08
N ILE A 49 9.79 12.94 4.79
CA ILE A 49 10.79 12.99 3.69
C ILE A 49 10.09 13.09 2.34
N LEU A 50 9.05 12.27 2.14
CA LEU A 50 8.31 12.28 0.85
C LEU A 50 7.66 13.64 0.62
N LEU A 51 7.06 14.22 1.67
CA LEU A 51 6.41 15.55 1.54
C LEU A 51 7.46 16.60 1.20
N VAL A 52 8.61 16.56 1.85
CA VAL A 52 9.67 17.56 1.59
C VAL A 52 10.14 17.41 0.13
N ILE A 53 10.36 16.18 -0.31
CA ILE A 53 10.85 15.94 -1.69
C ILE A 53 9.81 16.43 -2.69
N SER A 54 8.54 16.12 -2.45
CA SER A 54 7.45 16.51 -3.38
C SER A 54 7.36 18.04 -3.44
N LEU A 55 7.42 18.71 -2.29
CA LEU A 55 7.31 20.19 -2.27
C LEU A 55 8.52 20.82 -2.97
N ARG A 56 9.71 20.25 -2.77
CA ARG A 56 10.94 20.83 -3.37
C ARG A 56 11.11 20.40 -4.83
N TYR A 57 10.35 19.42 -5.30
CA TYR A 57 10.50 18.92 -6.69
C TYR A 57 10.04 19.99 -7.67
N LYS A 58 10.85 20.25 -8.69
CA LYS A 58 10.58 21.33 -9.67
C LYS A 58 10.31 20.76 -11.06
N GLY A 59 10.00 19.47 -11.17
CA GLY A 59 9.67 18.87 -12.45
C GLY A 59 10.93 18.42 -13.20
N PRO A 60 10.75 17.69 -14.31
CA PRO A 60 11.90 17.23 -15.08
C PRO A 60 12.81 18.37 -15.58
N GLY A 61 12.19 19.50 -15.95
CA GLY A 61 12.90 20.69 -16.45
C GLY A 61 13.55 21.50 -15.34
N GLY A 62 13.13 21.32 -14.10
CA GLY A 62 13.64 22.12 -12.97
C GLY A 62 13.29 23.59 -13.10
N THR A 63 12.08 23.91 -13.53
CA THR A 63 11.63 25.31 -13.69
C THR A 63 10.24 25.56 -13.10
N GLU A 64 9.46 24.53 -12.79
CA GLU A 64 8.10 24.71 -12.24
C GLU A 64 8.19 24.73 -10.71
N SER A 65 7.79 25.84 -10.11
CA SER A 65 7.87 26.01 -8.63
C SER A 65 6.87 25.09 -7.94
N PHE A 66 5.73 24.82 -8.57
CA PHE A 66 4.65 23.99 -7.98
C PHE A 66 4.28 22.88 -8.94
N TYR A 67 5.27 22.15 -9.42
CA TYR A 67 5.04 21.06 -10.41
C TYR A 67 4.01 20.08 -9.86
N ASN A 68 4.20 19.62 -8.63
CA ASN A 68 3.27 18.65 -7.99
C ASN A 68 1.99 19.33 -7.55
N GLY A 69 1.98 20.65 -7.39
CA GLY A 69 0.75 21.36 -6.99
C GLY A 69 -0.36 21.21 -8.01
N PHE A 70 -0.03 21.32 -9.28
CA PHE A 70 -1.00 21.19 -10.40
C PHE A 70 -1.15 19.73 -10.82
N LYS A 71 -0.33 18.82 -10.30
CA LYS A 71 -0.46 17.36 -10.52
C LYS A 71 -0.54 16.71 -9.16
N GLU A 72 -1.73 16.66 -8.58
CA GLU A 72 -1.92 16.18 -7.19
C GLU A 72 -1.81 14.67 -7.10
N GLN A 73 -1.94 13.93 -8.19
CA GLN A 73 -1.78 12.45 -8.13
C GLN A 73 -0.39 12.08 -7.59
N ASN A 74 0.63 12.87 -7.93
CA ASN A 74 2.01 12.60 -7.44
C ASN A 74 2.07 12.74 -5.91
N MET A 75 1.12 13.43 -5.30
CA MET A 75 1.08 13.58 -3.83
C MET A 75 0.38 12.40 -3.17
N LEU A 76 -0.30 11.55 -3.94
CA LEU A 76 -1.11 10.46 -3.35
C LEU A 76 -0.26 9.68 -2.34
N THR A 77 0.91 9.22 -2.78
CA THR A 77 1.87 8.47 -1.94
C THR A 77 2.01 9.11 -0.58
N VAL A 78 2.31 10.40 -0.61
CA VAL A 78 2.53 11.19 0.61
C VAL A 78 1.29 11.02 1.50
N PHE A 79 0.13 11.40 0.99
CA PHE A 79 -1.12 11.28 1.80
C PHE A 79 -1.24 9.86 2.35
N ILE A 80 -1.06 8.86 1.51
CA ILE A 80 -1.14 7.45 1.99
C ILE A 80 -0.29 7.33 3.25
N ASN A 81 0.99 7.60 3.13
CA ASN A 81 1.90 7.47 4.29
C ASN A 81 1.31 8.22 5.49
N LEU A 82 0.93 9.47 5.29
CA LEU A 82 0.38 10.27 6.41
C LEU A 82 -0.75 9.50 7.06
N TRP A 83 -1.74 9.07 6.28
CA TRP A 83 -2.87 8.31 6.86
C TRP A 83 -2.33 7.10 7.61
N CYS A 84 -1.48 6.33 6.97
CA CYS A 84 -0.88 5.15 7.65
C CYS A 84 -0.26 5.60 8.98
N ALA A 85 0.56 6.63 8.95
CA ALA A 85 1.19 7.14 10.19
C ALA A 85 0.10 7.39 11.23
N LEU A 86 -0.92 8.16 10.87
CA LEU A 86 -2.01 8.47 11.82
C LEU A 86 -2.55 7.16 12.40
N ALA A 87 -2.86 6.19 11.55
CA ALA A 87 -3.39 4.90 12.03
C ALA A 87 -2.45 4.34 13.09
N TYR A 88 -1.18 4.23 12.78
CA TYR A 88 -0.21 3.65 13.73
C TYR A 88 -0.15 4.50 15.00
N PHE A 89 -0.21 5.81 14.86
CA PHE A 89 -0.26 6.68 16.05
C PHE A 89 -1.40 6.21 16.97
N ALA A 90 -2.59 6.03 16.42
CA ALA A 90 -3.73 5.52 17.19
C ALA A 90 -3.33 4.21 17.87
N LYS A 91 -2.75 3.30 17.12
CA LYS A 91 -2.31 2.00 17.69
C LYS A 91 -1.41 2.26 18.90
N VAL A 92 -0.46 3.16 18.77
CA VAL A 92 0.47 3.47 19.88
C VAL A 92 -0.35 3.86 21.11
N LEU A 93 -1.34 4.75 20.91
CA LEU A 93 -2.20 5.14 22.05
C LEU A 93 -2.93 3.92 22.60
N GLN A 94 -3.48 3.10 21.72
CA GLN A 94 -4.19 1.87 22.16
C GLN A 94 -3.21 0.95 22.87
N SER A 95 -1.93 1.06 22.55
CA SER A 95 -0.89 0.21 23.18
C SER A 95 -0.62 0.63 24.62
N HIS A 96 -1.03 1.82 25.03
CA HIS A 96 -0.71 2.36 26.37
C HIS A 96 -1.97 2.55 27.23
N SER A 97 -3.14 2.21 26.72
CA SER A 97 -4.41 2.36 27.47
C SER A 97 -5.20 1.06 27.40
N ASN A 98 -5.93 0.79 28.47
CA ASN A 98 -6.80 -0.42 28.55
C ASN A 98 -8.07 -0.23 27.71
N ASP A 99 -8.37 1.00 27.30
CA ASP A 99 -9.59 1.30 26.51
C ASP A 99 -9.23 1.45 25.03
N ASN A 100 -10.15 1.07 24.17
CA ASN A 100 -9.95 1.19 22.72
C ASN A 100 -9.75 2.65 22.33
N GLY A 101 -8.82 2.90 21.43
CA GLY A 101 -8.55 4.26 20.92
C GLY A 101 -9.53 4.64 19.83
N PHE A 102 -8.99 5.18 18.74
CA PHE A 102 -9.81 5.55 17.57
C PHE A 102 -10.33 4.27 16.93
N ALA A 103 -11.60 3.94 17.15
CA ALA A 103 -12.17 2.65 16.73
C ALA A 103 -11.96 2.42 15.24
N PRO A 104 -12.22 3.39 14.33
CA PRO A 104 -12.09 3.10 12.90
C PRO A 104 -10.69 2.62 12.49
N LEU A 105 -9.64 3.10 13.16
CA LEU A 105 -8.25 2.76 12.80
C LEU A 105 -7.64 1.72 13.72
N THR A 106 -8.32 1.33 14.80
CA THR A 106 -7.74 0.37 15.77
C THR A 106 -8.67 -0.81 16.01
N VAL A 107 -9.97 -0.59 16.09
CA VAL A 107 -10.93 -1.66 16.49
C VAL A 107 -11.35 -2.44 15.25
N ILE A 108 -11.99 -1.77 14.29
CA ILE A 108 -12.49 -2.47 13.07
C ILE A 108 -11.28 -2.78 12.21
N PRO A 109 -10.98 -4.06 11.93
CA PRO A 109 -9.83 -4.37 11.09
C PRO A 109 -10.04 -4.00 9.63
N TYR A 110 -8.94 -3.70 8.95
CA TYR A 110 -8.87 -3.48 7.48
C TYR A 110 -9.51 -2.16 7.06
N VAL A 111 -9.98 -1.35 7.99
CA VAL A 111 -10.58 -0.03 7.61
C VAL A 111 -9.47 0.90 7.14
N ASP A 112 -8.37 0.95 7.86
CA ASP A 112 -7.18 1.73 7.42
C ASP A 112 -6.74 1.23 6.04
N TYR A 113 -6.75 -0.08 5.85
CA TYR A 113 -6.44 -0.66 4.53
C TYR A 113 -7.48 -0.24 3.51
N CYS A 114 -8.75 -0.25 3.90
CA CYS A 114 -9.83 0.26 3.00
C CYS A 114 -9.48 1.66 2.52
N THR A 115 -8.94 2.49 3.41
CA THR A 115 -8.63 3.89 3.05
C THR A 115 -7.37 3.97 2.20
N THR A 116 -6.38 3.14 2.48
CA THR A 116 -5.02 3.30 1.89
C THR A 116 -4.85 2.50 0.60
N CYS A 117 -5.12 1.21 0.61
CA CYS A 117 -4.75 0.33 -0.54
C CYS A 117 -5.35 0.82 -1.85
N PRO A 118 -6.64 1.25 -1.92
CA PRO A 118 -7.16 1.80 -3.17
C PRO A 118 -6.31 2.96 -3.70
N LEU A 119 -5.85 3.82 -2.80
CA LEU A 119 -4.96 4.94 -3.21
C LEU A 119 -3.63 4.37 -3.76
N LEU A 120 -3.11 3.33 -3.13
CA LEU A 120 -1.85 2.71 -3.62
C LEU A 120 -2.06 2.18 -5.04
N THR A 121 -3.15 1.49 -5.29
CA THR A 121 -3.44 0.94 -6.63
C THR A 121 -3.62 2.09 -7.61
N LEU A 122 -4.34 3.12 -7.22
CA LEU A 122 -4.58 4.28 -8.12
C LEU A 122 -3.24 4.91 -8.49
N ASP A 123 -2.37 5.10 -7.51
CA ASP A 123 -1.03 5.71 -7.79
C ASP A 123 -0.25 4.80 -8.73
N LEU A 124 -0.24 3.49 -8.45
CA LEU A 124 0.52 2.54 -9.30
C LEU A 124 0.04 2.64 -10.74
N LEU A 125 -1.26 2.65 -10.96
CA LEU A 125 -1.79 2.63 -12.34
C LEU A 125 -1.74 4.03 -12.94
N TRP A 126 -1.53 5.07 -12.13
CA TRP A 126 -1.40 6.43 -12.67
C TRP A 126 0.02 6.70 -13.16
N CYS A 127 1.02 6.37 -12.35
CA CYS A 127 2.44 6.56 -12.76
C CYS A 127 2.72 5.75 -14.03
N LEU A 128 2.09 4.59 -14.17
CA LEU A 128 2.26 3.74 -15.36
C LEU A 128 1.34 4.17 -16.50
N ASP A 129 0.46 5.13 -16.29
CA ASP A 129 -0.52 5.55 -17.32
C ASP A 129 -1.32 4.33 -17.76
N ALA A 130 -1.69 3.49 -16.80
CA ALA A 130 -2.41 2.24 -17.09
C ALA A 130 -3.90 2.53 -17.22
N PRO A 131 -4.63 1.73 -18.02
CA PRO A 131 -6.08 1.85 -18.08
C PRO A 131 -6.75 1.25 -16.84
N TYR A 132 -8.00 1.62 -16.65
CA TYR A 132 -8.86 1.10 -15.56
C TYR A 132 -8.21 1.36 -14.20
N LYS A 133 -7.58 2.51 -14.05
CA LYS A 133 -6.97 2.89 -12.75
C LYS A 133 -8.07 3.09 -11.70
N ILE A 134 -9.12 3.83 -12.05
CA ILE A 134 -10.24 4.09 -11.11
C ILE A 134 -11.00 2.78 -10.90
N SER A 135 -11.19 2.01 -11.96
CA SER A 135 -11.89 0.71 -11.86
C SER A 135 -11.11 -0.22 -10.94
N SER A 136 -9.80 -0.27 -11.11
CA SER A 136 -8.93 -1.14 -10.27
C SER A 136 -8.99 -0.68 -8.82
N ALA A 137 -8.95 0.64 -8.59
CA ALA A 137 -9.03 1.18 -7.21
C ALA A 137 -10.37 0.80 -6.59
N VAL A 138 -11.45 0.89 -7.35
CA VAL A 138 -12.80 0.56 -6.81
C VAL A 138 -12.86 -0.94 -6.54
N LEU A 139 -12.26 -1.75 -7.39
CA LEU A 139 -12.24 -3.21 -7.15
C LEU A 139 -11.47 -3.51 -5.86
N VAL A 140 -10.34 -2.87 -5.66
CA VAL A 140 -9.54 -3.08 -4.43
C VAL A 140 -10.36 -2.63 -3.21
N PHE A 141 -11.03 -1.50 -3.32
CA PHE A 141 -11.87 -0.99 -2.21
C PHE A 141 -12.98 -1.99 -1.91
N THR A 142 -13.62 -2.53 -2.93
CA THR A 142 -14.71 -3.52 -2.74
C THR A 142 -14.16 -4.78 -2.07
N CYS A 143 -13.00 -5.25 -2.51
CA CYS A 143 -12.38 -6.45 -1.88
C CYS A 143 -12.08 -6.16 -0.41
N LEU A 144 -11.57 -4.98 -0.10
CA LEU A 144 -11.24 -4.62 1.30
C LEU A 144 -12.51 -4.51 2.14
N VAL A 145 -13.59 -3.98 1.56
CA VAL A 145 -14.88 -3.89 2.31
C VAL A 145 -15.41 -5.31 2.55
N ILE A 146 -15.28 -6.18 1.56
CA ILE A 146 -15.70 -7.60 1.74
C ILE A 146 -14.89 -8.22 2.87
N ALA A 147 -13.60 -7.95 2.92
CA ALA A 147 -12.73 -8.46 4.00
C ALA A 147 -13.16 -7.89 5.34
N VAL A 148 -13.51 -6.61 5.38
CA VAL A 148 -13.98 -5.98 6.64
C VAL A 148 -15.24 -6.71 7.11
N ALA A 149 -16.16 -6.98 6.20
CA ALA A 149 -17.40 -7.72 6.55
C ALA A 149 -17.04 -9.12 7.04
N CYS A 150 -16.08 -9.77 6.39
CA CYS A 150 -15.67 -11.13 6.77
C CYS A 150 -15.11 -11.15 8.20
N SER A 151 -14.27 -10.18 8.53
CA SER A 151 -13.61 -10.11 9.86
C SER A 151 -14.63 -9.82 10.96
N LEU A 152 -15.75 -9.19 10.64
CA LEU A 152 -16.78 -8.84 11.66
C LEU A 152 -17.95 -9.83 11.59
N ALA A 153 -17.84 -10.90 10.80
CA ALA A 153 -18.92 -11.89 10.64
C ALA A 153 -18.75 -13.02 11.64
N VAL A 154 -19.70 -13.94 11.64
CA VAL A 154 -19.66 -15.14 12.53
C VAL A 154 -19.72 -16.38 11.64
N ALA A 155 -18.92 -17.37 11.98
CA ALA A 155 -18.87 -18.63 11.20
C ALA A 155 -20.23 -19.32 11.27
N PRO A 156 -20.63 -20.07 10.23
CA PRO A 156 -19.84 -20.30 9.02
C PRO A 156 -20.02 -19.23 7.93
N PHE A 157 -20.81 -18.20 8.23
CA PHE A 157 -21.04 -17.11 7.26
C PHE A 157 -19.73 -16.38 6.96
N SER A 158 -18.82 -16.34 7.92
CA SER A 158 -17.47 -15.76 7.70
C SER A 158 -16.77 -16.50 6.55
N TYR A 159 -16.93 -17.81 6.49
CA TYR A 159 -16.32 -18.61 5.40
C TYR A 159 -16.91 -18.20 4.05
N CYS A 160 -18.22 -18.00 3.99
CA CYS A 160 -18.88 -17.58 2.72
C CYS A 160 -18.35 -16.20 2.32
N TRP A 161 -18.28 -15.27 3.26
CA TRP A 161 -17.75 -13.92 2.97
C TRP A 161 -16.31 -14.02 2.47
N PHE A 162 -15.50 -14.84 3.13
CA PHE A 162 -14.09 -15.02 2.72
C PHE A 162 -14.01 -15.60 1.31
N ALA A 163 -14.86 -16.58 1.00
CA ALA A 163 -14.85 -17.21 -0.34
C ALA A 163 -15.22 -16.17 -1.41
N MET A 164 -16.25 -15.39 -1.16
CA MET A 164 -16.67 -14.34 -2.13
C MET A 164 -15.53 -13.33 -2.31
N GLY A 165 -14.94 -12.88 -1.20
CA GLY A 165 -13.79 -11.95 -1.27
C GLY A 165 -12.63 -12.57 -2.03
N MET A 166 -12.41 -13.87 -1.84
CA MET A 166 -11.30 -14.56 -2.52
C MET A 166 -11.54 -14.59 -4.02
N VAL A 167 -12.75 -14.86 -4.46
CA VAL A 167 -13.05 -14.89 -5.92
C VAL A 167 -12.86 -13.47 -6.48
N LEU A 168 -13.41 -12.47 -5.79
CA LEU A 168 -13.30 -11.09 -6.29
C LEU A 168 -11.83 -10.67 -6.35
N PHE A 169 -11.06 -10.99 -5.31
CA PHE A 169 -9.63 -10.60 -5.26
C PHE A 169 -8.82 -11.37 -6.30
N THR A 170 -9.18 -12.63 -6.58
CA THR A 170 -8.49 -13.39 -7.63
C THR A 170 -8.71 -12.70 -8.98
N PHE A 171 -9.96 -12.34 -9.27
CA PHE A 171 -10.26 -11.64 -10.54
C PHE A 171 -9.48 -10.33 -10.60
N THR A 172 -9.52 -9.55 -9.52
CA THR A 172 -8.84 -8.23 -9.48
C THR A 172 -7.33 -8.41 -9.65
N TYR A 173 -6.77 -9.41 -8.98
CA TYR A 173 -5.31 -9.68 -9.05
C TYR A 173 -4.92 -10.02 -10.49
N VAL A 174 -5.69 -10.90 -11.13
CA VAL A 174 -5.36 -11.31 -12.51
C VAL A 174 -5.46 -10.09 -13.43
N PHE A 175 -6.52 -9.30 -13.30
CA PHE A 175 -6.74 -8.13 -14.17
C PHE A 175 -5.60 -7.12 -13.99
N ILE A 176 -5.29 -6.78 -12.75
CA ILE A 176 -4.24 -5.77 -12.46
C ILE A 176 -2.88 -6.31 -12.90
N LEU A 177 -2.60 -7.57 -12.69
CA LEU A 177 -1.30 -8.11 -13.17
C LEU A 177 -1.20 -7.93 -14.69
N SER A 178 -2.23 -8.34 -15.43
CA SER A 178 -2.27 -8.29 -16.91
C SER A 178 -2.01 -6.86 -17.40
N ILE A 179 -2.58 -5.87 -16.74
CA ILE A 179 -2.37 -4.43 -17.09
C ILE A 179 -0.93 -4.07 -16.70
N VAL A 180 -0.48 -4.49 -15.53
CA VAL A 180 0.86 -4.06 -15.05
C VAL A 180 1.93 -4.68 -15.95
N ARG A 181 1.73 -5.93 -16.33
CA ARG A 181 2.75 -6.65 -17.15
C ARG A 181 2.81 -5.98 -18.52
N GLN A 182 1.67 -5.58 -19.07
CA GLN A 182 1.62 -5.02 -20.44
C GLN A 182 2.25 -3.62 -20.42
N ARG A 183 2.04 -2.83 -19.36
CA ARG A 183 2.68 -1.50 -19.24
C ARG A 183 4.17 -1.67 -18.99
N LEU A 184 4.58 -2.64 -18.17
CA LEU A 184 6.02 -2.89 -17.95
C LEU A 184 6.70 -3.26 -19.26
N ASP A 185 6.08 -4.12 -20.06
CA ASP A 185 6.65 -4.48 -21.38
C ASP A 185 6.74 -3.23 -22.25
N PHE A 186 5.69 -2.43 -22.27
CA PHE A 186 5.69 -1.19 -23.09
C PHE A 186 6.83 -0.28 -22.65
N PHE A 187 6.98 -0.08 -21.34
CA PHE A 187 8.04 0.81 -20.81
C PHE A 187 9.42 0.26 -21.16
N THR A 188 9.62 -1.04 -21.00
CA THR A 188 10.93 -1.66 -21.29
C THR A 188 11.25 -1.60 -22.78
N LEU A 189 10.23 -1.58 -23.64
CA LEU A 189 10.48 -1.54 -25.10
C LEU A 189 11.24 -0.27 -25.49
N CYS A 190 10.95 0.85 -24.83
CA CYS A 190 11.54 2.16 -25.19
C CYS A 190 12.31 2.74 -24.00
N ALA A 191 13.13 1.93 -23.34
CA ALA A 191 13.97 2.38 -22.22
C ALA A 191 15.42 2.01 -22.52
N ARG A 192 16.22 2.97 -22.97
CA ARG A 192 17.62 2.72 -23.39
C ARG A 192 18.63 3.45 -22.51
N ASP A 193 18.28 4.58 -21.93
CA ASP A 193 19.23 5.35 -21.10
C ASP A 193 19.55 4.58 -19.82
N SER A 194 20.76 4.78 -19.32
CA SER A 194 21.22 4.17 -18.05
C SER A 194 20.28 4.60 -16.91
N ASN A 195 19.96 5.88 -16.84
CA ASN A 195 19.03 6.39 -15.82
C ASN A 195 17.66 5.73 -16.02
N ALA A 196 17.25 5.56 -17.27
CA ALA A 196 15.99 4.87 -17.60
C ALA A 196 16.06 3.42 -17.07
N LYS A 197 17.20 2.77 -17.25
CA LYS A 197 17.34 1.36 -16.79
C LYS A 197 17.25 1.31 -15.26
N GLN A 198 17.85 2.29 -14.60
CA GLN A 198 17.87 2.32 -13.11
C GLN A 198 16.44 2.54 -12.62
N SER A 199 15.70 3.44 -13.27
CA SER A 199 14.28 3.73 -12.93
C SER A 199 13.44 2.48 -13.20
N LEU A 200 13.73 1.76 -14.28
CA LEU A 200 13.00 0.52 -14.59
C LEU A 200 13.26 -0.54 -13.51
N LYS A 201 14.49 -0.64 -13.04
CA LYS A 201 14.81 -1.61 -11.96
C LYS A 201 14.01 -1.24 -10.70
N HIS A 202 13.96 0.04 -10.36
CA HIS A 202 13.17 0.49 -9.19
C HIS A 202 11.69 0.19 -9.41
N LEU A 203 11.19 0.40 -10.62
CA LEU A 203 9.77 0.12 -10.92
C LEU A 203 9.49 -1.38 -10.77
N LYS A 204 10.40 -2.23 -11.23
CA LYS A 204 10.22 -3.69 -11.09
C LYS A 204 10.25 -4.08 -9.61
N THR A 205 11.12 -3.46 -8.83
CA THR A 205 11.16 -3.72 -7.37
C THR A 205 9.83 -3.34 -6.75
N ALA A 206 9.29 -2.17 -7.12
CA ALA A 206 7.99 -1.70 -6.58
C ALA A 206 6.88 -2.66 -6.99
N VAL A 207 6.92 -3.13 -8.24
CA VAL A 207 5.87 -4.06 -8.75
C VAL A 207 5.94 -5.38 -7.98
N PHE A 208 7.14 -5.88 -7.75
CA PHE A 208 7.31 -7.14 -6.98
C PHE A 208 6.78 -6.94 -5.56
N ILE A 209 7.10 -5.80 -4.95
CA ILE A 209 6.60 -5.50 -3.59
C ILE A 209 5.07 -5.49 -3.61
N TYR A 210 4.49 -4.83 -4.60
CA TYR A 210 3.02 -4.70 -4.69
C TYR A 210 2.35 -6.07 -4.85
N PHE A 211 2.91 -6.94 -5.68
CA PHE A 211 2.25 -8.22 -6.01
C PHE A 211 2.57 -9.31 -5.00
N GLY A 212 3.85 -9.61 -4.76
CA GLY A 212 4.24 -10.69 -3.84
C GLY A 212 3.75 -10.43 -2.43
N ILE A 213 3.95 -9.23 -1.92
CA ILE A 213 3.62 -8.91 -0.51
C ILE A 213 2.11 -8.98 -0.31
N TRP A 214 1.35 -8.47 -1.26
CA TRP A 214 -0.14 -8.46 -1.13
C TRP A 214 -0.67 -9.87 -0.98
N LEU A 215 -0.03 -10.85 -1.60
CA LEU A 215 -0.48 -12.26 -1.48
C LEU A 215 -0.29 -12.76 -0.05
N LEU A 216 0.58 -12.13 0.74
CA LEU A 216 0.83 -12.60 2.13
C LEU A 216 -0.35 -12.25 3.04
N PHE A 217 -1.01 -11.12 2.82
CA PHE A 217 -2.12 -10.70 3.70
C PHE A 217 -3.22 -11.76 3.76
N PRO A 218 -3.73 -12.28 2.61
CA PRO A 218 -4.68 -13.38 2.69
C PRO A 218 -4.11 -14.61 3.40
N LEU A 219 -2.82 -14.90 3.20
CA LEU A 219 -2.18 -16.04 3.89
C LEU A 219 -2.16 -15.76 5.40
N LEU A 220 -1.86 -14.53 5.80
CA LEU A 220 -1.86 -14.18 7.23
C LEU A 220 -3.26 -14.34 7.82
N TRP A 221 -4.28 -13.88 7.11
CA TRP A 221 -5.67 -14.02 7.61
C TRP A 221 -6.03 -15.50 7.74
N LEU A 222 -5.71 -16.29 6.73
CA LEU A 222 -6.05 -17.75 6.76
C LEU A 222 -5.23 -18.47 7.82
N LEU A 223 -4.14 -17.88 8.28
CA LEU A 223 -3.24 -18.53 9.27
C LEU A 223 -3.47 -17.97 10.66
N SER A 224 -4.29 -16.93 10.81
CA SER A 224 -4.49 -16.25 12.10
C SER A 224 -5.43 -17.08 12.98
N TYR A 225 -5.87 -16.51 14.10
CA TYR A 225 -6.80 -17.20 15.02
C TYR A 225 -8.05 -17.63 14.25
N ARG A 226 -8.48 -16.83 13.29
CA ARG A 226 -9.55 -17.24 12.37
C ARG A 226 -9.04 -18.37 11.47
N ALA A 227 -9.92 -19.30 11.13
CA ALA A 227 -9.58 -20.48 10.31
C ALA A 227 -8.52 -21.28 11.06
N ALA A 228 -7.35 -21.54 10.46
CA ALA A 228 -6.29 -22.34 11.12
C ALA A 228 -5.59 -21.46 12.15
N ASN A 229 -5.77 -21.76 13.43
CA ASN A 229 -5.14 -21.00 14.53
C ASN A 229 -3.80 -21.64 14.85
N VAL A 230 -2.74 -21.12 14.24
CA VAL A 230 -1.35 -21.60 14.50
C VAL A 230 -0.48 -20.42 14.93
N ILE A 231 -0.54 -19.30 14.22
CA ILE A 231 0.25 -18.10 14.58
C ILE A 231 -0.51 -17.31 15.63
N SER A 232 0.17 -16.93 16.70
CA SER A 232 -0.45 -16.13 17.79
C SER A 232 -0.73 -14.71 17.29
N ASN A 233 -1.52 -13.99 18.06
CA ASN A 233 -1.94 -12.62 17.69
C ASN A 233 -0.72 -11.70 17.58
N ASP A 234 0.23 -11.81 18.51
CA ASP A 234 1.39 -10.89 18.56
C ASP A 234 2.22 -11.04 17.27
N ILE A 235 2.45 -12.26 16.83
CA ILE A 235 3.31 -12.50 15.64
C ILE A 235 2.56 -11.99 14.41
N ASN A 236 1.25 -12.20 14.36
CA ASN A 236 0.43 -11.70 13.25
C ASN A 236 0.52 -10.17 13.19
N HIS A 237 0.42 -9.52 14.34
CA HIS A 237 0.49 -8.04 14.40
C HIS A 237 1.87 -7.56 13.94
N ILE A 238 2.93 -8.22 14.40
CA ILE A 238 4.30 -7.81 14.02
C ILE A 238 4.49 -8.00 12.51
N PHE A 239 4.03 -9.11 11.97
CA PHE A 239 4.14 -9.36 10.52
C PHE A 239 3.36 -8.31 9.74
N HIS A 240 2.18 -7.97 10.22
CA HIS A 240 1.36 -6.92 9.58
C HIS A 240 2.11 -5.60 9.59
N CYS A 241 2.70 -5.26 10.72
CA CYS A 241 3.47 -3.99 10.83
C CYS A 241 4.64 -3.99 9.84
N ILE A 242 5.37 -5.09 9.77
CA ILE A 242 6.55 -5.16 8.86
C ILE A 242 6.07 -5.06 7.41
N LEU A 243 5.01 -5.77 7.06
CA LEU A 243 4.51 -5.75 5.67
C LEU A 243 4.04 -4.34 5.32
N ASP A 244 3.33 -3.68 6.23
CA ASP A 244 2.88 -2.29 5.99
C ASP A 244 4.08 -1.39 5.78
N VAL A 245 5.04 -1.46 6.67
CA VAL A 245 6.22 -0.57 6.60
C VAL A 245 6.91 -0.78 5.24
N ILE A 246 7.19 -2.02 4.89
CA ILE A 246 7.88 -2.31 3.61
C ILE A 246 7.03 -1.77 2.47
N ALA A 247 5.85 -2.35 2.28
CA ALA A 247 5.01 -2.15 1.09
C ALA A 247 4.46 -0.72 1.03
N LYS A 248 4.72 0.13 2.03
CA LYS A 248 4.35 1.55 1.93
C LYS A 248 5.60 2.42 1.80
N SER A 249 6.51 2.38 2.76
CA SER A 249 7.71 3.26 2.73
C SER A 249 8.57 2.92 1.51
N VAL A 250 9.02 1.67 1.40
CA VAL A 250 9.97 1.31 0.33
C VAL A 250 9.24 1.40 -1.01
N TYR A 251 7.98 1.01 -1.03
CA TYR A 251 7.17 1.03 -2.27
C TYR A 251 7.05 2.46 -2.79
N GLY A 252 6.69 3.40 -1.91
CA GLY A 252 6.54 4.81 -2.30
C GLY A 252 7.87 5.41 -2.70
N PHE A 253 8.94 5.07 -2.00
CA PHE A 253 10.28 5.59 -2.37
C PHE A 253 10.66 5.11 -3.76
N ALA A 254 10.45 3.83 -4.05
CA ALA A 254 10.78 3.27 -5.39
C ALA A 254 9.91 3.93 -6.46
N LEU A 255 8.62 3.96 -6.23
CA LEU A 255 7.72 4.64 -7.18
C LEU A 255 8.29 6.03 -7.46
N LEU A 256 8.70 6.75 -6.42
CA LEU A 256 9.17 8.15 -6.55
C LEU A 256 10.50 8.18 -7.31
N TYR A 257 11.41 7.26 -7.02
CA TYR A 257 12.67 7.20 -7.80
C TYR A 257 12.30 7.06 -9.26
N PHE A 258 11.31 6.24 -9.55
CA PHE A 258 10.95 5.91 -10.95
C PHE A 258 10.31 7.13 -11.62
N LYS A 259 9.41 7.80 -10.93
CA LYS A 259 8.67 8.94 -11.52
C LYS A 259 9.64 10.09 -11.83
N MET A 260 10.54 10.41 -10.91
CA MET A 260 11.46 11.55 -11.14
C MET A 260 12.53 11.19 -12.19
N TYR A 261 13.13 10.02 -12.07
CA TYR A 261 14.35 9.69 -12.85
C TYR A 261 14.01 8.79 -14.03
N PHE A 262 12.87 8.98 -14.67
CA PHE A 262 12.53 8.22 -15.90
C PHE A 262 11.92 9.14 -16.95
N ASP A 263 12.69 9.51 -17.97
CA ASP A 263 12.18 10.45 -19.00
C ASP A 263 11.01 9.80 -19.73
N LYS A 264 9.81 10.38 -19.62
CA LYS A 264 8.62 9.88 -20.34
C LYS A 264 8.72 10.20 -21.84
N LYS A 265 9.38 11.30 -22.20
CA LYS A 265 9.42 11.75 -23.62
C LYS A 265 10.07 10.68 -24.51
N LEU A 266 10.66 9.64 -23.93
CA LEU A 266 11.28 8.55 -24.72
C LEU A 266 10.24 7.64 -25.35
N ILE A 267 8.96 7.78 -24.99
CA ILE A 267 7.86 6.97 -25.57
C ILE A 267 8.01 6.91 -27.09
#